data_3T4N
#
_entry.id   3T4N
#
_cell.length_a   88.599
_cell.length_b   251.214
_cell.length_c   79.589
_cell.angle_alpha   90.00
_cell.angle_beta   90.00
_cell.angle_gamma   90.00
#
_symmetry.space_group_name_H-M   'C 2 2 21'
#
loop_
_entity.id
_entity.type
_entity.pdbx_description
1 polymer 'Carbon catabolite-derepressing protein kinase'
2 polymer 'SNF1 protein kinase subunit beta-2'
3 polymer 'Nuclear protein SNF4'
4 non-polymer "ADENOSINE-5'-DIPHOSPHATE"
5 water water
#
loop_
_entity_poly.entity_id
_entity_poly.type
_entity_poly.pdbx_seq_one_letter_code
_entity_poly.pdbx_strand_id
1 'polypeptide(L)'
;GPMDQYKEEDSTVSILPTSLPQIHRANMLAQGSPAASKISPLVTKKSKTRWHFGIRSRSYPLDVMGEIYIALKNLGAEWA
KPSEEDLWTIKLRWKYDIGNKTNTNEKIPDLMKMVIQLFQIETNNYLVDFKFDGWESSYGDDTTVSNISEDEMSTFSAYP
FLHLTTKLIMELAVNSQSN
;
A
2 'polypeptide(L)'
;MEYTTDIPAVFTDPSVMERYYYTLDRQQSNTDTSWLTPPQLPPQLENVILNKYYATQDQFNENNSGALPIPNHVVLNHLV
TSSIKHNTLCVASIVRYKQKYVTQILYTPIESS
;
B
3 'polypeptide(L)'
;MAKPTQDSQEKVSIEQQLAVESIRKFLNSKTSYDVLPVSYRLIVLDTSLLVKKSLNVLLQNSIVSAPLWDSKTSRFAGLL
TTTDFINVIQYYFSNPDKFELVDKLQLDGLKDIERALGVDQLDTASIHPSRPLFEACLKMLESRSGRIPLIDQDEETHRE
IVVSVLTQYRILKFVALNCRETHFLKIPIGDLNIITQDNMKSCQMTTPVIDVIQMLTQGRVSSVPIIDENGYLINVYEAY
DVLGLIKGGIYNDLSLSVGEALMRRSDDFEGVYTCTKNDKLSTIMDNIRKARVHRFFVVDDVGRLVGVLTLSDILKYILL
GSN
;
C
#
# COMPACT_ATOMS: atom_id res chain seq x y z
N SER A 11 9.60 -32.56 9.70
CA SER A 11 8.78 -31.61 8.89
C SER A 11 8.57 -32.13 7.47
N THR A 12 7.30 -32.09 7.02
CA THR A 12 6.97 -32.39 5.63
C THR A 12 6.38 -31.15 4.94
N VAL A 13 6.80 -29.98 5.39
CA VAL A 13 6.42 -28.72 4.76
C VAL A 13 7.44 -28.41 3.66
N SER A 14 6.97 -28.26 2.41
CA SER A 14 7.87 -28.02 1.28
C SER A 14 7.30 -27.01 0.31
N ILE A 15 8.18 -26.52 -0.56
CA ILE A 15 7.78 -25.79 -1.74
C ILE A 15 7.59 -26.79 -2.87
N LEU A 16 6.41 -26.78 -3.49
CA LEU A 16 6.09 -27.64 -4.63
C LEU A 16 6.96 -27.27 -5.85
N PRO A 17 7.87 -28.17 -6.24
CA PRO A 17 8.84 -27.87 -7.31
C PRO A 17 8.16 -27.50 -8.64
N THR A 18 7.10 -28.23 -9.00
CA THR A 18 6.38 -27.91 -10.24
C THR A 18 5.68 -26.54 -10.23
N SER A 19 5.61 -25.89 -9.06
CA SER A 19 4.98 -24.56 -8.97
C SER A 19 5.97 -23.45 -9.26
N LEU A 20 7.25 -23.77 -9.25
CA LEU A 20 8.25 -22.74 -9.59
C LEU A 20 8.23 -22.46 -11.08
N PRO A 21 8.33 -21.17 -11.47
CA PRO A 21 8.14 -20.79 -12.86
C PRO A 21 9.10 -21.50 -13.81
N GLN A 22 10.35 -21.67 -13.37
CA GLN A 22 11.37 -22.35 -14.18
C GLN A 22 10.96 -23.78 -14.52
N ILE A 23 10.39 -24.49 -13.55
CA ILE A 23 10.00 -25.88 -13.80
C ILE A 23 8.69 -25.94 -14.58
N HIS A 24 7.79 -25.00 -14.32
CA HIS A 24 6.50 -24.98 -14.99
C HIS A 24 6.68 -24.71 -16.47
N ARG A 25 7.46 -23.68 -16.79
CA ARG A 25 7.86 -23.35 -18.16
C ARG A 25 8.54 -24.52 -18.87
N ALA A 26 9.49 -25.16 -18.19
CA ALA A 26 10.22 -26.29 -18.77
C ALA A 26 9.28 -27.45 -19.10
N ASN A 27 8.34 -27.73 -18.22
CA ASN A 27 7.37 -28.80 -18.44
C ASN A 27 6.40 -28.49 -19.59
N MET A 28 6.04 -27.22 -19.72
CA MET A 28 5.19 -26.77 -20.82
C MET A 28 5.94 -26.87 -22.15
N LEU A 29 7.21 -26.47 -22.16
CA LEU A 29 8.10 -26.63 -23.32
C LEU A 29 8.21 -28.08 -23.76
N ALA A 30 8.49 -28.98 -22.82
CA ALA A 30 8.57 -30.41 -23.09
C ALA A 30 7.26 -30.95 -23.68
N GLN A 31 6.13 -30.42 -23.23
CA GLN A 31 4.82 -30.80 -23.76
C GLN A 31 4.65 -30.41 -25.23
N GLY A 32 5.29 -29.31 -25.63
CA GLY A 32 5.25 -28.83 -27.00
C GLY A 32 4.45 -27.56 -27.16
N SER A 33 3.73 -27.17 -26.11
CA SER A 33 2.92 -25.94 -26.10
C SER A 33 3.70 -24.75 -26.64
N PRO A 34 3.10 -23.99 -27.59
CA PRO A 34 3.76 -22.85 -28.23
C PRO A 34 4.02 -21.70 -27.26
N ALA A 35 3.11 -21.53 -26.30
CA ALA A 35 3.16 -20.43 -25.35
C ALA A 35 4.42 -20.43 -24.48
N ALA A 36 5.03 -21.60 -24.36
CA ALA A 36 6.23 -21.78 -23.53
C ALA A 36 7.40 -20.94 -24.02
N SER A 37 7.50 -20.77 -25.34
CA SER A 37 8.56 -19.98 -25.94
C SER A 37 8.10 -18.54 -26.17
N LYS A 38 6.80 -18.35 -26.38
CA LYS A 38 6.26 -17.06 -26.80
C LYS A 38 5.82 -16.13 -25.66
N ILE A 39 5.31 -16.71 -24.58
CA ILE A 39 4.85 -15.91 -23.44
C ILE A 39 5.95 -15.75 -22.37
N SER A 40 6.39 -14.50 -22.20
CA SER A 40 7.47 -14.20 -21.27
C SER A 40 6.94 -13.76 -19.91
N PRO A 41 7.67 -14.10 -18.83
CA PRO A 41 7.26 -13.69 -17.49
C PRO A 41 7.11 -12.18 -17.40
N LEU A 42 6.24 -11.73 -16.51
CA LEU A 42 6.09 -10.31 -16.27
C LEU A 42 7.35 -9.79 -15.58
N VAL A 43 7.87 -8.68 -16.10
CA VAL A 43 9.02 -8.02 -15.50
C VAL A 43 8.56 -6.64 -15.04
N THR A 44 8.62 -6.42 -13.74
CA THR A 44 8.27 -5.13 -13.16
C THR A 44 9.55 -4.42 -12.74
N LYS A 45 9.87 -3.34 -13.45
CA LYS A 45 11.07 -2.55 -13.17
C LYS A 45 10.86 -1.67 -11.95
N LYS A 46 11.08 -2.23 -10.76
CA LYS A 46 10.92 -1.51 -9.50
C LYS A 46 12.07 -0.51 -9.31
N SER A 47 11.98 0.62 -10.02
CA SER A 47 13.01 1.65 -9.98
C SER A 47 12.91 2.49 -8.71
N LYS A 48 14.07 2.76 -8.10
CA LYS A 48 14.11 3.54 -6.87
C LYS A 48 13.94 5.03 -7.13
N THR A 49 12.90 5.60 -6.53
CA THR A 49 12.55 7.01 -6.69
C THR A 49 13.42 7.86 -5.79
N ARG A 50 13.90 8.98 -6.33
CA ARG A 50 14.56 9.99 -5.51
C ARG A 50 13.50 10.95 -4.98
N TRP A 51 13.34 10.96 -3.66
CA TRP A 51 12.37 11.82 -3.00
C TRP A 51 13.05 13.12 -2.59
N HIS A 52 12.29 14.20 -2.57
CA HIS A 52 12.77 15.50 -2.12
C HIS A 52 11.72 16.15 -1.24
N PHE A 53 12.16 17.03 -0.37
CA PHE A 53 11.24 17.94 0.29
C PHE A 53 10.90 19.08 -0.67
N GLY A 54 9.61 19.38 -0.77
CA GLY A 54 9.11 20.49 -1.58
C GLY A 54 9.55 20.47 -3.04
N ILE A 55 9.71 21.65 -3.62
CA ILE A 55 10.12 21.78 -5.01
C ILE A 55 11.30 22.74 -5.19
N ARG A 56 12.09 22.49 -6.23
CA ARG A 56 13.24 23.31 -6.54
C ARG A 56 12.93 24.30 -7.67
N SER A 57 13.57 25.46 -7.60
CA SER A 57 13.50 26.46 -8.67
C SER A 57 14.85 27.14 -8.86
N ARG A 58 15.18 27.43 -10.11
CA ARG A 58 16.40 28.17 -10.45
C ARG A 58 16.18 29.68 -10.47
N SER A 59 14.94 30.12 -10.62
CA SER A 59 14.59 31.55 -10.50
C SER A 59 14.98 32.09 -9.12
N TYR A 60 15.09 33.41 -9.03
CA TYR A 60 15.58 34.10 -7.83
C TYR A 60 14.44 34.47 -6.87
N PRO A 61 14.78 34.80 -5.60
CA PRO A 61 13.80 34.86 -4.51
C PRO A 61 12.51 35.62 -4.80
N LEU A 62 12.61 36.89 -5.20
CA LEU A 62 11.43 37.71 -5.45
C LEU A 62 10.59 37.16 -6.61
N ASP A 63 11.27 36.65 -7.63
CA ASP A 63 10.62 36.00 -8.76
C ASP A 63 9.84 34.76 -8.30
N VAL A 64 10.51 33.89 -7.53
CA VAL A 64 9.89 32.64 -7.04
C VAL A 64 8.71 32.92 -6.10
N MET A 65 8.93 33.83 -5.14
CA MET A 65 7.88 34.21 -4.19
C MET A 65 6.66 34.81 -4.89
N GLY A 66 6.92 35.60 -5.93
CA GLY A 66 5.86 36.23 -6.71
C GLY A 66 4.98 35.21 -7.40
N GLU A 67 5.61 34.22 -8.01
CA GLU A 67 4.91 33.13 -8.69
C GLU A 67 4.02 32.33 -7.74
N ILE A 68 4.53 32.05 -6.54
CA ILE A 68 3.78 31.29 -5.54
C ILE A 68 2.52 32.06 -5.12
N TYR A 69 2.71 33.33 -4.73
CA TYR A 69 1.60 34.19 -4.36
C TYR A 69 0.56 34.32 -5.47
N ILE A 70 1.03 34.45 -6.71
CA ILE A 70 0.16 34.47 -7.89
C ILE A 70 -0.69 33.20 -7.94
N ALA A 71 -0.03 32.04 -7.92
CA ALA A 71 -0.69 30.73 -7.90
C ALA A 71 -1.67 30.61 -6.71
N LEU A 72 -1.20 31.01 -5.53
CA LEU A 72 -2.04 31.06 -4.33
C LEU A 72 -3.31 31.86 -4.55
N LYS A 73 -3.18 33.02 -5.18
CA LYS A 73 -4.33 33.91 -5.41
C LYS A 73 -5.36 33.30 -6.35
N ASN A 74 -4.89 32.68 -7.43
CA ASN A 74 -5.78 32.06 -8.41
C ASN A 74 -6.50 30.81 -7.88
N LEU A 75 -5.87 30.15 -6.91
CA LEU A 75 -6.44 28.94 -6.31
C LEU A 75 -7.43 29.24 -5.19
N GLY A 76 -7.41 30.48 -4.70
CA GLY A 76 -8.38 30.93 -3.71
C GLY A 76 -7.89 30.98 -2.27
N ALA A 77 -6.58 31.01 -2.10
CA ALA A 77 -5.99 31.08 -0.76
C ALA A 77 -5.91 32.53 -0.28
N GLU A 78 -5.82 32.68 1.05
CA GLU A 78 -5.56 33.97 1.68
C GLU A 78 -4.33 33.82 2.57
N TRP A 79 -3.63 34.91 2.81
CA TRP A 79 -2.37 34.87 3.56
C TRP A 79 -2.22 36.07 4.47
N ALA A 80 -1.36 35.93 5.47
CA ALA A 80 -1.06 37.03 6.38
C ALA A 80 -0.05 38.00 5.74
N LYS A 81 -0.03 39.22 6.25
CA LYS A 81 0.96 40.22 5.86
C LYS A 81 2.31 39.86 6.50
N PRO A 82 3.34 39.64 5.68
CA PRO A 82 4.67 39.36 6.22
C PRO A 82 5.43 40.63 6.59
N SER A 83 6.10 40.61 7.75
CA SER A 83 6.96 41.70 8.16
C SER A 83 8.32 41.58 7.47
N GLU A 84 9.19 42.57 7.69
CA GLU A 84 10.51 42.61 7.06
C GLU A 84 11.42 41.47 7.52
N GLU A 85 11.15 40.93 8.71
CA GLU A 85 11.96 39.86 9.29
C GLU A 85 11.54 38.44 8.84
N ASP A 86 10.40 38.32 8.16
CA ASP A 86 9.93 37.04 7.65
C ASP A 86 9.31 37.12 6.23
N LEU A 87 10.05 37.77 5.33
CA LEU A 87 9.58 37.98 3.96
C LEU A 87 9.46 36.70 3.14
N TRP A 88 10.30 35.71 3.46
CA TRP A 88 10.37 34.47 2.69
C TRP A 88 9.53 33.35 3.30
N THR A 89 8.52 33.76 4.06
CA THR A 89 7.60 32.85 4.72
C THR A 89 6.18 33.27 4.37
N ILE A 90 5.42 32.34 3.81
CA ILE A 90 4.01 32.57 3.54
C ILE A 90 3.21 31.84 4.59
N LYS A 91 2.42 32.60 5.35
CA LYS A 91 1.51 32.04 6.33
C LYS A 91 0.12 32.14 5.74
N LEU A 92 -0.32 31.05 5.11
CA LEU A 92 -1.53 31.05 4.30
C LEU A 92 -2.67 30.23 4.90
N ARG A 93 -3.87 30.50 4.40
CA ARG A 93 -5.08 29.81 4.81
C ARG A 93 -5.94 29.52 3.58
N TRP A 94 -6.56 28.34 3.57
CA TRP A 94 -7.18 27.80 2.37
C TRP A 94 -8.44 27.01 2.71
N LYS A 95 -9.50 27.23 1.93
CA LYS A 95 -10.84 26.71 2.23
C LYS A 95 -11.00 25.18 2.16
N TYR A 96 -10.68 24.59 1.00
CA TYR A 96 -11.04 23.19 0.68
C TYR A 96 -12.56 23.00 0.67
N ILE A 108 -17.32 22.23 12.78
CA ILE A 108 -16.32 21.70 11.85
C ILE A 108 -15.36 22.79 11.33
N PRO A 109 -14.06 22.68 11.67
CA PRO A 109 -13.02 23.54 11.11
C PRO A 109 -12.86 23.32 9.61
N ASP A 110 -12.94 24.41 8.85
CA ASP A 110 -12.98 24.35 7.40
C ASP A 110 -11.72 24.88 6.72
N LEU A 111 -11.06 25.85 7.36
CA LEU A 111 -9.88 26.51 6.79
C LEU A 111 -8.60 25.74 7.11
N MET A 112 -7.89 25.32 6.06
CA MET A 112 -6.60 24.65 6.22
C MET A 112 -5.46 25.66 6.27
N LYS A 113 -4.55 25.48 7.24
CA LYS A 113 -3.39 26.33 7.38
C LYS A 113 -2.14 25.68 6.83
N MET A 114 -1.35 26.47 6.11
CA MET A 114 -0.08 26.05 5.56
C MET A 114 0.99 27.09 5.87
N VAL A 115 2.23 26.64 5.95
CA VAL A 115 3.37 27.54 6.00
C VAL A 115 4.28 27.19 4.84
N ILE A 116 4.48 28.14 3.94
CA ILE A 116 5.42 27.98 2.83
C ILE A 116 6.68 28.77 3.13
N GLN A 117 7.83 28.11 3.00
CA GLN A 117 9.09 28.72 3.32
C GLN A 117 10.08 28.56 2.17
N LEU A 118 10.77 29.64 1.84
CA LEU A 118 11.80 29.62 0.80
C LEU A 118 13.18 29.44 1.40
N PHE A 119 13.94 28.51 0.83
CA PHE A 119 15.30 28.27 1.26
C PHE A 119 16.25 28.37 0.08
N GLN A 120 17.48 28.77 0.37
CA GLN A 120 18.54 28.74 -0.60
C GLN A 120 19.35 27.45 -0.44
N ILE A 121 19.44 26.68 -1.52
CA ILE A 121 20.31 25.50 -1.55
C ILE A 121 21.71 25.99 -1.91
N GLU A 122 21.86 26.36 -3.18
CA GLU A 122 23.11 26.92 -3.71
C GLU A 122 22.85 28.32 -4.28
N THR A 123 23.88 28.91 -4.88
CA THR A 123 23.82 30.27 -5.42
C THR A 123 22.59 30.53 -6.30
N ASN A 124 22.36 29.65 -7.26
CA ASN A 124 21.29 29.82 -8.26
C ASN A 124 20.11 28.85 -8.01
N ASN A 125 20.16 28.12 -6.89
CA ASN A 125 19.19 27.05 -6.62
C ASN A 125 18.38 27.29 -5.34
N TYR A 126 17.07 27.28 -5.47
CA TYR A 126 16.18 27.51 -4.33
C TYR A 126 15.17 26.37 -4.13
N LEU A 127 14.85 26.10 -2.87
CA LEU A 127 13.88 25.07 -2.51
C LEU A 127 12.67 25.68 -1.81
N VAL A 128 11.48 25.35 -2.32
CA VAL A 128 10.24 25.80 -1.74
C VAL A 128 9.73 24.70 -0.81
N ASP A 129 9.51 25.06 0.45
CA ASP A 129 9.11 24.12 1.48
C ASP A 129 7.64 24.36 1.85
N PHE A 130 6.86 23.28 1.88
CA PHE A 130 5.44 23.36 2.25
C PHE A 130 5.20 22.60 3.54
N LYS A 131 4.48 23.20 4.47
CA LYS A 131 4.24 22.59 5.77
C LYS A 131 2.78 22.72 6.19
N PHE A 132 2.15 21.57 6.47
CA PHE A 132 0.79 21.55 7.02
C PHE A 132 0.82 22.10 8.44
N ASP A 133 -0.12 23.01 8.72
CA ASP A 133 -0.09 23.76 9.98
C ASP A 133 -1.41 23.69 10.76
N GLY A 134 -2.31 22.83 10.33
CA GLY A 134 -3.57 22.60 11.05
C GLY A 134 -4.80 23.17 10.37
N TRP A 135 -5.90 23.17 11.12
CA TRP A 135 -7.17 23.67 10.62
C TRP A 135 -7.71 24.80 11.51
N GLU A 136 -8.53 25.66 10.92
CA GLU A 136 -9.20 26.74 11.64
C GLU A 136 -10.67 26.86 11.24
N SER A 137 -11.44 27.60 12.04
CA SER A 137 -12.86 27.82 11.77
C SER A 137 -13.10 29.21 11.18
N SER A 154 -0.71 13.85 16.60
CA SER A 154 -0.92 12.51 17.15
C SER A 154 -1.88 11.67 16.31
N THR A 155 -2.90 12.31 15.75
CA THR A 155 -3.91 11.62 14.94
C THR A 155 -4.47 12.56 13.89
N PHE A 156 -3.91 12.52 12.68
CA PHE A 156 -4.41 13.34 11.59
C PHE A 156 -4.03 12.82 10.19
N SER A 157 -4.84 13.22 9.22
CA SER A 157 -4.65 12.88 7.82
C SER A 157 -3.98 14.05 7.11
N ALA A 158 -2.89 13.77 6.41
CA ALA A 158 -2.23 14.75 5.56
C ALA A 158 -2.85 14.83 4.16
N TYR A 159 -3.81 13.96 3.86
CA TYR A 159 -4.32 13.84 2.48
C TYR A 159 -4.97 15.11 1.89
N PRO A 160 -5.84 15.80 2.65
CA PRO A 160 -6.33 17.10 2.16
C PRO A 160 -5.18 18.06 1.81
N PHE A 161 -4.18 18.14 2.70
CA PHE A 161 -2.97 18.92 2.45
C PHE A 161 -2.19 18.42 1.22
N LEU A 162 -2.07 17.11 1.09
CA LEU A 162 -1.37 16.52 -0.06
C LEU A 162 -2.05 16.87 -1.38
N HIS A 163 -3.39 16.82 -1.38
CA HIS A 163 -4.17 17.12 -2.57
C HIS A 163 -4.07 18.60 -2.98
N LEU A 164 -4.17 19.50 -2.00
CA LEU A 164 -4.06 20.94 -2.27
C LEU A 164 -2.68 21.34 -2.76
N THR A 165 -1.64 20.75 -2.17
CA THR A 165 -0.27 21.00 -2.65
C THR A 165 -0.09 20.48 -4.08
N THR A 166 -0.76 19.37 -4.41
CA THR A 166 -0.76 18.86 -5.78
C THR A 166 -1.35 19.90 -6.74
N LYS A 167 -2.48 20.49 -6.35
CA LYS A 167 -3.09 21.60 -7.10
C LYS A 167 -2.11 22.77 -7.28
N LEU A 168 -1.48 23.17 -6.17
CA LEU A 168 -0.54 24.28 -6.16
C LEU A 168 0.69 24.02 -7.03
N ILE A 169 1.29 22.83 -6.91
CA ILE A 169 2.46 22.45 -7.72
C ILE A 169 2.13 22.49 -9.21
N MET A 170 0.93 22.02 -9.57
CA MET A 170 0.48 22.03 -10.94
C MET A 170 0.27 23.44 -11.47
N GLU A 171 -0.43 24.27 -10.68
CA GLU A 171 -0.62 25.67 -11.00
C GLU A 171 0.72 26.38 -11.23
N LEU A 172 1.72 26.03 -10.43
CA LEU A 172 3.08 26.57 -10.60
C LEU A 172 3.73 26.11 -11.90
N ALA A 173 3.43 24.88 -12.32
CA ALA A 173 3.96 24.33 -13.55
C ALA A 173 3.31 24.95 -14.78
N VAL A 174 1.99 25.11 -14.73
CA VAL A 174 1.19 25.74 -15.81
C VAL A 174 1.69 27.15 -16.11
N ASN A 175 1.95 27.92 -15.04
CA ASN A 175 2.39 29.31 -15.16
C ASN A 175 3.83 29.48 -15.68
N SER A 176 4.56 28.38 -15.77
CA SER A 176 5.93 28.39 -16.30
C SER A 176 6.01 27.73 -17.68
N MET B 1 -4.04 36.97 13.80
CA MET B 1 -3.53 37.44 12.47
C MET B 1 -4.65 37.80 11.51
N GLU B 2 -4.41 38.84 10.71
CA GLU B 2 -5.33 39.24 9.65
C GLU B 2 -4.94 38.57 8.34
N TYR B 3 -5.93 38.20 7.54
CA TYR B 3 -5.73 37.51 6.28
C TYR B 3 -6.40 38.24 5.12
N THR B 4 -5.71 38.28 3.98
CA THR B 4 -6.25 38.90 2.77
C THR B 4 -5.68 38.24 1.50
N THR B 5 -6.28 38.58 0.36
CA THR B 5 -5.81 38.09 -0.93
C THR B 5 -4.95 39.13 -1.66
N ASP B 6 -4.33 40.02 -0.89
CA ASP B 6 -3.44 41.04 -1.45
C ASP B 6 -1.99 40.57 -1.39
N ILE B 7 -1.43 40.25 -2.55
CA ILE B 7 -0.03 39.88 -2.67
C ILE B 7 0.81 41.03 -2.11
N PRO B 8 1.67 40.72 -1.11
CA PRO B 8 2.52 41.74 -0.50
C PRO B 8 3.26 42.58 -1.54
N ALA B 9 3.27 43.89 -1.32
CA ALA B 9 3.86 44.86 -2.26
C ALA B 9 5.32 44.56 -2.60
N VAL B 10 6.06 44.01 -1.64
CA VAL B 10 7.46 43.61 -1.85
C VAL B 10 7.68 42.68 -3.05
N PHE B 11 6.62 41.99 -3.48
CA PHE B 11 6.72 41.05 -4.59
C PHE B 11 6.09 41.55 -5.90
N THR B 12 5.36 42.66 -5.81
CA THR B 12 4.72 43.26 -6.98
C THR B 12 5.28 44.64 -7.32
N ASP B 13 5.88 45.31 -6.33
CA ASP B 13 6.35 46.69 -6.48
C ASP B 13 7.85 46.79 -6.22
N PRO B 14 8.64 47.09 -7.28
CA PRO B 14 10.10 47.22 -7.14
C PRO B 14 10.56 48.29 -6.14
N SER B 15 9.65 49.19 -5.77
CA SER B 15 9.97 50.29 -4.84
C SER B 15 10.16 49.81 -3.41
N VAL B 16 9.46 48.74 -3.04
CA VAL B 16 9.47 48.24 -1.66
C VAL B 16 10.81 47.60 -1.27
N MET B 17 11.28 46.66 -2.09
CA MET B 17 12.57 46.01 -1.84
C MET B 17 13.72 47.00 -1.98
N GLU B 18 13.63 47.84 -3.02
CA GLU B 18 14.58 48.94 -3.21
C GLU B 18 14.72 49.75 -1.93
N ARG B 19 13.57 50.16 -1.38
CA ARG B 19 13.51 50.90 -0.12
C ARG B 19 14.30 50.17 0.99
N TYR B 20 14.10 48.87 1.11
CA TYR B 20 14.82 48.07 2.12
C TYR B 20 16.32 48.05 1.88
N TYR B 21 16.73 47.88 0.62
CA TYR B 21 18.15 47.77 0.27
C TYR B 21 18.93 49.06 0.47
N TYR B 22 18.24 50.20 0.31
CA TYR B 22 18.88 51.52 0.45
C TYR B 22 18.96 51.99 1.90
N THR B 23 18.06 51.50 2.74
CA THR B 23 18.01 51.92 4.15
C THR B 23 18.80 50.97 5.07
N LEU B 24 19.88 50.39 4.53
CA LEU B 24 20.74 49.47 5.28
C LEU B 24 21.58 50.19 6.35
N ASP B 25 21.95 49.44 7.39
CA ASP B 25 22.77 49.98 8.47
C ASP B 25 23.85 48.99 8.89
N THR B 33 20.54 42.35 7.57
CA THR B 33 21.29 41.98 6.37
C THR B 33 20.77 40.65 5.80
N SER B 34 20.62 39.66 6.68
CA SER B 34 20.12 38.34 6.28
C SER B 34 18.64 38.34 5.91
N TRP B 35 17.90 39.37 6.29
CA TRP B 35 16.48 39.50 5.95
C TRP B 35 16.22 39.51 4.46
N LEU B 36 17.16 40.07 3.70
CA LEU B 36 16.98 40.33 2.27
C LEU B 36 17.27 39.11 1.41
N THR B 37 17.90 38.11 2.01
CA THR B 37 18.16 36.83 1.37
C THR B 37 17.42 35.73 2.14
N PRO B 38 16.75 34.79 1.42
CA PRO B 38 16.14 33.66 2.10
C PRO B 38 17.20 32.78 2.79
N PRO B 39 16.84 32.15 3.93
CA PRO B 39 17.80 31.36 4.71
C PRO B 39 18.33 30.15 3.96
N GLN B 40 19.52 29.68 4.34
CA GLN B 40 20.09 28.45 3.81
C GLN B 40 19.23 27.23 4.17
N LEU B 41 19.27 26.20 3.32
CA LEU B 41 18.53 24.98 3.57
C LEU B 41 19.09 24.27 4.81
N PRO B 42 18.21 23.95 5.78
CA PRO B 42 18.64 23.18 6.94
C PRO B 42 19.12 21.79 6.54
N PRO B 43 20.10 21.23 7.29
CA PRO B 43 20.60 19.88 7.00
C PRO B 43 19.49 18.82 6.98
N GLN B 44 18.47 19.00 7.83
CA GLN B 44 17.37 18.04 7.97
C GLN B 44 16.51 17.88 6.70
N LEU B 45 16.55 18.87 5.80
CA LEU B 45 15.72 18.86 4.60
C LEU B 45 16.46 18.41 3.34
N GLU B 46 17.72 18.00 3.48
CA GLU B 46 18.50 17.54 2.33
C GLU B 46 18.05 16.14 1.89
N ASN B 47 18.03 15.92 0.57
CA ASN B 47 17.48 14.69 0.00
C ASN B 47 18.24 13.41 0.36
N VAL B 48 19.56 13.55 0.59
CA VAL B 48 20.39 12.42 1.02
C VAL B 48 19.88 11.81 2.33
N ILE B 49 19.52 12.66 3.29
CA ILE B 49 18.94 12.23 4.57
C ILE B 49 17.54 11.64 4.41
N LEU B 50 16.71 12.28 3.56
CA LEU B 50 15.35 11.80 3.30
C LEU B 50 15.35 10.41 2.65
N ASN B 51 16.21 10.22 1.64
CA ASN B 51 16.26 8.94 0.93
C ASN B 51 16.98 7.83 1.70
N LYS B 52 17.89 8.22 2.59
CA LYS B 52 18.48 7.29 3.56
C LYS B 52 17.40 6.73 4.47
N TYR B 53 16.52 7.61 4.92
CA TYR B 53 15.36 7.23 5.74
C TYR B 53 14.50 6.17 5.03
N TYR B 54 14.22 6.42 3.75
CA TYR B 54 13.48 5.49 2.90
C TYR B 54 14.21 4.14 2.72
N ALA B 55 15.52 4.21 2.53
CA ALA B 55 16.35 3.02 2.28
C ALA B 55 16.49 2.14 3.53
N THR B 56 16.55 2.78 4.70
CA THR B 56 16.63 2.07 5.99
C THR B 56 15.36 1.25 6.26
N GLN B 57 14.20 1.80 5.88
CA GLN B 57 12.93 1.09 5.94
C GLN B 57 12.92 -0.12 5.00
N ASP B 58 13.44 0.08 3.79
CA ASP B 58 13.55 -0.98 2.78
C ASP B 58 14.55 -2.06 3.19
N GLN B 59 15.69 -1.64 3.77
CA GLN B 59 16.71 -2.57 4.25
C GLN B 59 16.20 -3.48 5.37
N PHE B 60 15.31 -2.96 6.21
CA PHE B 60 14.69 -3.73 7.29
C PHE B 60 13.62 -4.69 6.73
N ASN B 61 12.70 -4.15 5.95
CA ASN B 61 11.54 -4.91 5.45
C ASN B 61 11.85 -5.95 4.37
N GLU B 62 12.97 -5.77 3.66
CA GLU B 62 13.32 -6.65 2.54
C GLU B 62 14.61 -7.44 2.75
N ASN B 63 15.46 -6.97 3.66
CA ASN B 63 16.78 -7.57 3.87
C ASN B 63 17.16 -7.83 5.33
N ASN B 64 16.20 -7.66 6.24
CA ASN B 64 16.39 -7.86 7.69
C ASN B 64 17.68 -7.25 8.29
N SER B 65 18.15 -6.16 7.68
CA SER B 65 19.31 -5.44 8.18
C SER B 65 18.88 -4.24 9.00
N GLY B 66 19.69 -3.91 10.02
CA GLY B 66 19.45 -2.75 10.87
C GLY B 66 18.12 -2.77 11.60
N ALA B 67 17.57 -1.58 11.80
CA ALA B 67 16.28 -1.41 12.49
C ALA B 67 15.55 -0.18 11.94
N LEU B 68 14.23 -0.31 11.82
CA LEU B 68 13.36 0.78 11.37
C LEU B 68 13.78 2.15 11.92
N PRO B 69 13.93 3.14 11.02
CA PRO B 69 14.42 4.48 11.39
C PRO B 69 13.33 5.40 11.98
N ILE B 70 13.73 6.22 12.95
CA ILE B 70 12.86 7.27 13.46
C ILE B 70 13.21 8.56 12.71
N PRO B 71 12.19 9.21 12.10
CA PRO B 71 12.45 10.46 11.39
C PRO B 71 12.75 11.61 12.34
N ASN B 72 13.53 12.57 11.87
CA ASN B 72 13.74 13.82 12.60
C ASN B 72 12.40 14.52 12.76
N HIS B 73 12.14 15.03 13.96
CA HIS B 73 10.86 15.68 14.26
C HIS B 73 10.63 16.96 13.47
N VAL B 74 11.72 17.57 13.00
CA VAL B 74 11.66 18.83 12.26
C VAL B 74 11.07 18.68 10.85
N VAL B 75 11.13 17.47 10.29
CA VAL B 75 10.61 17.23 8.93
C VAL B 75 9.15 16.77 8.90
N LEU B 76 8.54 16.64 10.07
CA LEU B 76 7.15 16.19 10.17
C LEU B 76 6.18 17.22 9.60
N ASN B 77 5.20 16.74 8.84
CA ASN B 77 4.17 17.57 8.21
C ASN B 77 4.68 18.42 7.04
N HIS B 78 5.89 18.13 6.58
CA HIS B 78 6.47 18.78 5.41
C HIS B 78 6.18 17.97 4.15
N LEU B 79 5.94 18.67 3.06
CA LEU B 79 5.68 18.04 1.78
C LEU B 79 6.92 17.33 1.23
N VAL B 80 6.71 16.09 0.81
CA VAL B 80 7.70 15.29 0.12
C VAL B 80 7.16 15.10 -1.30
N THR B 81 8.03 15.24 -2.29
CA THR B 81 7.63 15.13 -3.69
C THR B 81 8.60 14.24 -4.48
N SER B 82 8.23 13.97 -5.74
CA SER B 82 9.05 13.21 -6.66
C SER B 82 8.71 13.65 -8.07
N SER B 83 9.55 13.31 -9.04
CA SER B 83 9.32 13.68 -10.44
C SER B 83 7.99 13.12 -10.93
N ILE B 84 7.27 13.92 -11.70
CA ILE B 84 6.06 13.45 -12.38
C ILE B 84 6.43 12.28 -13.29
N LYS B 85 5.66 11.20 -13.17
CA LYS B 85 5.85 10.03 -14.01
C LYS B 85 4.50 9.60 -14.56
N HIS B 86 4.45 9.35 -15.87
CA HIS B 86 3.22 8.95 -16.56
C HIS B 86 2.03 9.82 -16.16
N ASN B 87 2.22 11.14 -16.22
CA ASN B 87 1.20 12.12 -15.82
C ASN B 87 0.59 11.89 -14.44
N THR B 88 1.43 11.40 -13.52
CA THR B 88 1.00 11.15 -12.15
C THR B 88 1.97 11.83 -11.19
N LEU B 89 1.43 12.58 -10.25
CA LEU B 89 2.24 13.22 -9.22
C LEU B 89 2.14 12.42 -7.93
N CYS B 90 3.29 12.02 -7.41
CA CYS B 90 3.34 11.31 -6.14
C CYS B 90 3.91 12.20 -5.05
N VAL B 91 3.04 12.60 -4.11
CA VAL B 91 3.48 13.40 -2.98
C VAL B 91 3.29 12.64 -1.67
N ALA B 92 4.01 13.07 -0.64
CA ALA B 92 3.95 12.41 0.66
C ALA B 92 4.21 13.40 1.79
N SER B 93 3.90 12.96 3.01
CA SER B 93 4.29 13.66 4.21
C SER B 93 4.50 12.63 5.32
N ILE B 94 5.65 12.70 5.99
CA ILE B 94 5.90 11.89 7.19
C ILE B 94 5.15 12.53 8.36
N VAL B 95 4.19 11.79 8.92
CA VAL B 95 3.35 12.30 10.00
C VAL B 95 3.33 11.37 11.20
N ARG B 96 3.03 11.93 12.36
CA ARG B 96 2.99 11.19 13.61
C ARG B 96 1.64 10.53 13.77
N TYR B 97 1.64 9.25 14.10
CA TYR B 97 0.45 8.60 14.61
C TYR B 97 0.76 8.02 16.00
N LYS B 98 0.14 8.62 17.02
CA LYS B 98 0.49 8.36 18.43
C LYS B 98 2.02 8.40 18.58
N GLN B 99 2.67 7.28 18.85
CA GLN B 99 4.13 7.23 18.94
C GLN B 99 4.85 6.64 17.73
N LYS B 100 4.09 6.37 16.68
CA LYS B 100 4.64 5.77 15.48
C LYS B 100 4.62 6.82 14.37
N TYR B 101 5.28 6.50 13.27
CA TYR B 101 5.47 7.46 12.19
C TYR B 101 5.00 6.86 10.86
N VAL B 102 3.98 7.49 10.29
CA VAL B 102 3.45 7.06 8.99
C VAL B 102 3.86 8.03 7.89
N THR B 103 4.51 7.51 6.85
CA THR B 103 4.70 8.28 5.62
C THR B 103 3.44 8.13 4.77
N GLN B 104 2.58 9.14 4.82
CA GLN B 104 1.33 9.13 4.08
C GLN B 104 1.59 9.52 2.63
N ILE B 105 1.26 8.61 1.72
CA ILE B 105 1.61 8.79 0.31
C ILE B 105 0.36 8.86 -0.54
N LEU B 106 0.30 9.85 -1.43
CA LEU B 106 -0.82 10.02 -2.34
C LEU B 106 -0.40 10.01 -3.80
N TYR B 107 -1.08 9.20 -4.61
CA TYR B 107 -0.92 9.22 -6.06
C TYR B 107 -2.14 9.90 -6.67
N THR B 108 -1.89 11.00 -7.38
CA THR B 108 -2.95 11.78 -8.03
C THR B 108 -2.62 11.99 -9.51
N PRO B 109 -3.63 11.83 -10.39
CA PRO B 109 -3.38 12.13 -11.80
C PRO B 109 -3.28 13.64 -12.03
N ILE B 110 -2.36 14.05 -12.89
CA ILE B 110 -2.26 15.45 -13.29
C ILE B 110 -2.52 15.55 -14.80
N GLU B 111 -2.13 16.67 -15.40
CA GLU B 111 -2.19 16.81 -16.87
C GLU B 111 -1.12 17.77 -17.39
N SER C 8 2.53 -39.46 27.09
CA SER C 8 3.08 -38.89 25.83
C SER C 8 2.00 -38.09 25.08
N GLN C 9 0.90 -38.78 24.74
CA GLN C 9 -0.22 -38.15 24.05
C GLN C 9 -0.85 -37.06 24.92
N GLU C 10 -1.06 -37.39 26.20
CA GLU C 10 -1.61 -36.44 27.16
C GLU C 10 -0.67 -35.24 27.36
N LYS C 11 0.64 -35.50 27.29
CA LYS C 11 1.64 -34.43 27.42
C LYS C 11 1.59 -33.49 26.21
N VAL C 12 1.56 -34.05 25.00
CA VAL C 12 1.48 -33.26 23.78
C VAL C 12 0.22 -32.37 23.82
N SER C 13 -0.87 -32.95 24.30
CA SER C 13 -2.17 -32.28 24.35
C SER C 13 -2.21 -31.09 25.31
N ILE C 14 -1.72 -31.28 26.54
CA ILE C 14 -1.76 -30.20 27.52
C ILE C 14 -0.80 -29.10 27.16
N GLU C 15 0.31 -29.47 26.52
CA GLU C 15 1.26 -28.47 26.04
C GLU C 15 0.65 -27.66 24.90
N GLN C 16 -0.09 -28.30 24.00
CA GLN C 16 -0.79 -27.57 22.95
C GLN C 16 -1.78 -26.60 23.59
N GLN C 17 -2.52 -27.11 24.58
CA GLN C 17 -3.49 -26.30 25.32
C GLN C 17 -2.83 -25.12 26.04
N LEU C 18 -1.68 -25.33 26.68
CA LEU C 18 -0.96 -24.23 27.32
C LEU C 18 -0.49 -23.20 26.32
N ALA C 19 0.02 -23.66 25.18
CA ALA C 19 0.53 -22.77 24.14
C ALA C 19 -0.61 -21.90 23.59
N VAL C 20 -1.74 -22.52 23.24
CA VAL C 20 -2.86 -21.77 22.69
C VAL C 20 -3.43 -20.73 23.67
N GLU C 21 -3.56 -21.14 24.94
CA GLU C 21 -4.10 -20.25 25.96
C GLU C 21 -3.18 -19.06 26.14
N SER C 22 -1.88 -19.30 26.01
CA SER C 22 -0.90 -18.22 26.07
C SER C 22 -0.98 -17.29 24.85
N ILE C 23 -1.19 -17.87 23.66
CA ILE C 23 -1.34 -17.08 22.43
C ILE C 23 -2.61 -16.24 22.50
N ARG C 24 -3.70 -16.85 23.00
CA ARG C 24 -4.95 -16.09 23.16
C ARG C 24 -4.81 -14.91 24.11
N LYS C 25 -4.08 -15.12 25.21
CA LYS C 25 -3.84 -14.05 26.17
C LYS C 25 -3.05 -12.93 25.49
N PHE C 26 -2.06 -13.32 24.70
CA PHE C 26 -1.26 -12.38 23.91
C PHE C 26 -2.15 -11.53 23.00
N LEU C 27 -3.01 -12.20 22.23
CA LEU C 27 -3.92 -11.51 21.31
C LEU C 27 -4.89 -10.60 22.05
N ASN C 28 -5.36 -11.04 23.22
CA ASN C 28 -6.21 -10.22 24.09
C ASN C 28 -5.52 -9.02 24.74
N SER C 29 -4.20 -9.07 24.83
CA SER C 29 -3.40 -8.08 25.58
C SER C 29 -2.76 -7.04 24.68
N LYS C 30 -2.57 -7.39 23.42
CA LYS C 30 -2.07 -6.46 22.44
C LYS C 30 -3.23 -5.83 21.68
N THR C 31 -2.94 -4.70 21.04
CA THR C 31 -3.89 -4.00 20.21
C THR C 31 -3.39 -4.05 18.77
N SER C 32 -4.23 -3.63 17.83
CA SER C 32 -3.84 -3.51 16.42
C SER C 32 -2.73 -2.49 16.27
N TYR C 33 -2.79 -1.41 17.06
CA TYR C 33 -1.75 -0.40 17.09
C TYR C 33 -0.37 -0.99 17.35
N ASP C 34 -0.30 -1.98 18.25
CA ASP C 34 0.95 -2.66 18.60
C ASP C 34 1.62 -3.36 17.41
N VAL C 35 0.81 -3.81 16.45
CA VAL C 35 1.32 -4.53 15.29
C VAL C 35 2.02 -3.60 14.31
N LEU C 36 1.65 -2.32 14.36
CA LEU C 36 2.27 -1.31 13.50
C LEU C 36 3.77 -1.20 13.77
N PRO C 37 4.58 -1.22 12.71
CA PRO C 37 6.01 -0.90 12.83
C PRO C 37 6.17 0.54 13.30
N VAL C 38 7.31 0.86 13.92
CA VAL C 38 7.51 2.19 14.50
C VAL C 38 7.50 3.29 13.44
N SER C 39 8.04 2.99 12.27
CA SER C 39 7.86 3.85 11.09
C SER C 39 7.53 3.01 9.88
N TYR C 40 6.54 3.45 9.12
CA TYR C 40 6.06 2.68 7.98
C TYR C 40 5.40 3.60 6.97
N ARG C 41 5.16 3.08 5.77
CA ARG C 41 4.59 3.85 4.67
C ARG C 41 3.18 3.41 4.37
N LEU C 42 2.32 4.35 4.01
CA LEU C 42 0.96 4.06 3.59
C LEU C 42 0.69 4.65 2.20
N ILE C 43 0.45 3.79 1.22
CA ILE C 43 0.17 4.22 -0.14
C ILE C 43 -1.33 4.34 -0.38
N VAL C 44 -1.77 5.54 -0.72
CA VAL C 44 -3.17 5.84 -1.00
C VAL C 44 -3.30 6.37 -2.44
N LEU C 45 -4.37 5.94 -3.12
CA LEU C 45 -4.59 6.35 -4.50
C LEU C 45 -5.80 7.26 -4.59
N ASP C 46 -5.67 8.36 -5.32
CA ASP C 46 -6.82 9.21 -5.63
C ASP C 46 -7.77 8.45 -6.56
N THR C 47 -9.07 8.50 -6.26
CA THR C 47 -10.11 7.79 -7.02
C THR C 47 -10.18 8.12 -8.52
N SER C 48 -9.62 9.26 -8.92
CA SER C 48 -9.61 9.64 -10.33
C SER C 48 -8.43 9.03 -11.12
N LEU C 49 -7.54 8.33 -10.42
CA LEU C 49 -6.42 7.65 -11.09
C LEU C 49 -6.94 6.51 -11.97
N LEU C 50 -6.30 6.31 -13.12
CA LEU C 50 -6.63 5.20 -14.01
C LEU C 50 -6.32 3.85 -13.36
N VAL C 51 -7.18 2.88 -13.64
CA VAL C 51 -7.02 1.52 -13.12
C VAL C 51 -5.67 0.93 -13.53
N LYS C 52 -5.30 1.14 -14.79
CA LYS C 52 -4.05 0.63 -15.36
C LYS C 52 -2.82 1.23 -14.67
N LYS C 53 -2.90 2.51 -14.33
CA LYS C 53 -1.81 3.19 -13.63
C LYS C 53 -1.76 2.72 -12.18
N SER C 54 -2.93 2.55 -11.56
CA SER C 54 -3.05 2.10 -10.18
C SER C 54 -2.45 0.70 -10.01
N LEU C 55 -2.70 -0.15 -11.01
CA LEU C 55 -2.10 -1.49 -11.07
C LEU C 55 -0.58 -1.42 -11.07
N ASN C 56 -0.02 -0.49 -11.86
CA ASN C 56 1.43 -0.25 -11.87
C ASN C 56 1.96 0.21 -10.50
N VAL C 57 1.22 1.09 -9.84
CA VAL C 57 1.59 1.56 -8.50
C VAL C 57 1.68 0.40 -7.52
N LEU C 58 0.71 -0.51 -7.57
CA LEU C 58 0.73 -1.72 -6.74
C LEU C 58 1.97 -2.57 -7.02
N LEU C 59 2.17 -2.92 -8.29
CA LEU C 59 3.29 -3.77 -8.70
C LEU C 59 4.67 -3.13 -8.48
N GLN C 60 4.75 -1.82 -8.68
CA GLN C 60 6.00 -1.08 -8.50
C GLN C 60 6.42 -1.03 -7.03
N ASN C 61 5.43 -0.97 -6.15
CA ASN C 61 5.67 -0.79 -4.71
C ASN C 61 5.55 -2.05 -3.88
N SER C 62 5.42 -3.19 -4.55
CA SER C 62 5.32 -4.51 -3.91
C SER C 62 4.19 -4.63 -2.90
N ILE C 63 2.99 -4.19 -3.31
CA ILE C 63 1.79 -4.32 -2.49
C ILE C 63 0.63 -4.87 -3.32
N VAL C 64 -0.35 -5.48 -2.63
CA VAL C 64 -1.51 -6.08 -3.30
C VAL C 64 -2.82 -5.31 -3.01
N SER C 65 -2.70 -4.17 -2.33
CA SER C 65 -3.85 -3.43 -1.85
C SER C 65 -3.49 -1.98 -1.49
N ALA C 66 -4.48 -1.08 -1.58
CA ALA C 66 -4.30 0.33 -1.25
C ALA C 66 -5.63 1.01 -0.94
N PRO C 67 -5.68 1.85 0.11
CA PRO C 67 -6.88 2.65 0.33
C PRO C 67 -7.06 3.68 -0.77
N LEU C 68 -8.32 4.03 -1.05
CA LEU C 68 -8.63 5.03 -2.06
C LEU C 68 -9.09 6.33 -1.41
N TRP C 69 -8.71 7.44 -2.04
CA TRP C 69 -9.01 8.78 -1.54
C TRP C 69 -9.84 9.55 -2.55
N ASP C 70 -11.03 9.97 -2.13
CA ASP C 70 -11.88 10.83 -2.96
C ASP C 70 -11.59 12.30 -2.60
N SER C 71 -10.88 12.98 -3.50
CA SER C 71 -10.46 14.37 -3.24
C SER C 71 -11.63 15.35 -3.27
N LYS C 72 -12.65 15.04 -4.07
CA LYS C 72 -13.84 15.88 -4.19
C LYS C 72 -14.58 16.01 -2.86
N THR C 73 -14.62 14.92 -2.08
CA THR C 73 -15.38 14.91 -0.83
C THR C 73 -14.50 14.81 0.42
N SER C 74 -13.18 14.75 0.23
CA SER C 74 -12.22 14.58 1.33
C SER C 74 -12.49 13.37 2.20
N ARG C 75 -12.89 12.28 1.56
CA ARG C 75 -13.21 11.06 2.28
C ARG C 75 -12.49 9.87 1.66
N PHE C 76 -12.14 8.89 2.50
CA PHE C 76 -11.62 7.63 2.02
C PHE C 76 -12.76 6.84 1.39
N ALA C 77 -12.46 6.05 0.36
CA ALA C 77 -13.49 5.34 -0.39
C ALA C 77 -13.21 3.86 -0.54
N GLY C 78 -12.88 3.19 0.56
CA GLY C 78 -12.62 1.76 0.54
C GLY C 78 -11.24 1.41 0.02
N LEU C 79 -11.05 0.13 -0.29
CA LEU C 79 -9.76 -0.42 -0.67
C LEU C 79 -9.79 -0.94 -2.09
N LEU C 80 -8.71 -0.68 -2.83
CA LEU C 80 -8.41 -1.40 -4.05
C LEU C 80 -7.73 -2.70 -3.65
N THR C 81 -8.28 -3.81 -4.12
CA THR C 81 -7.73 -5.13 -3.84
C THR C 81 -7.74 -5.96 -5.10
N THR C 82 -7.16 -7.16 -5.05
CA THR C 82 -7.17 -8.06 -6.21
C THR C 82 -8.59 -8.40 -6.65
N THR C 83 -9.54 -8.36 -5.71
CA THR C 83 -10.94 -8.63 -6.02
C THR C 83 -11.51 -7.63 -7.04
N ASP C 84 -11.16 -6.35 -6.89
CA ASP C 84 -11.55 -5.32 -7.86
C ASP C 84 -11.10 -5.68 -9.27
N PHE C 85 -9.87 -6.19 -9.38
CA PHE C 85 -9.34 -6.59 -10.67
C PHE C 85 -9.97 -7.88 -11.20
N ILE C 86 -10.25 -8.83 -10.30
CA ILE C 86 -10.97 -10.05 -10.67
C ILE C 86 -12.31 -9.69 -11.29
N ASN C 87 -13.05 -8.80 -10.65
CA ASN C 87 -14.38 -8.38 -11.11
C ASN C 87 -14.39 -7.65 -12.45
N VAL C 88 -13.35 -6.89 -12.75
CA VAL C 88 -13.30 -6.16 -14.02
C VAL C 88 -12.90 -7.06 -15.19
N ILE C 89 -12.17 -8.13 -14.88
CA ILE C 89 -11.78 -9.12 -15.89
C ILE C 89 -13.01 -9.83 -16.44
N GLN C 90 -13.86 -10.32 -15.55
CA GLN C 90 -15.10 -10.99 -15.95
C GLN C 90 -16.02 -10.06 -16.72
N TYR C 91 -16.06 -8.80 -16.32
CA TYR C 91 -16.84 -7.79 -17.05
C TYR C 91 -16.31 -7.58 -18.47
N TYR C 92 -15.00 -7.39 -18.58
CA TYR C 92 -14.36 -7.18 -19.87
C TYR C 92 -14.43 -8.40 -20.78
N PHE C 93 -14.33 -9.60 -20.20
CA PHE C 93 -14.43 -10.83 -20.97
C PHE C 93 -15.82 -11.03 -21.56
N SER C 94 -16.85 -10.84 -20.74
CA SER C 94 -18.24 -10.96 -21.18
C SER C 94 -18.69 -9.82 -22.10
N ASN C 95 -17.89 -8.76 -22.15
CA ASN C 95 -18.19 -7.60 -23.00
C ASN C 95 -16.94 -7.12 -23.73
N PRO C 96 -16.44 -7.92 -24.70
CA PRO C 96 -15.18 -7.67 -25.40
C PRO C 96 -15.13 -6.35 -26.14
N ASP C 97 -16.30 -5.81 -26.47
CA ASP C 97 -16.45 -4.54 -27.16
C ASP C 97 -15.93 -3.36 -26.34
N LYS C 98 -15.97 -3.50 -25.02
CA LYS C 98 -15.57 -2.43 -24.09
C LYS C 98 -14.05 -2.31 -23.91
N PHE C 99 -13.29 -3.22 -24.53
CA PHE C 99 -11.83 -3.30 -24.34
C PHE C 99 -11.06 -2.00 -24.59
N GLU C 100 -11.58 -1.16 -25.49
CA GLU C 100 -10.96 0.12 -25.79
C GLU C 100 -11.09 1.12 -24.63
N LEU C 101 -11.91 0.76 -23.64
CA LEU C 101 -12.17 1.63 -22.49
C LEU C 101 -11.30 1.32 -21.27
N VAL C 102 -10.57 0.20 -21.33
CA VAL C 102 -9.62 -0.16 -20.28
C VAL C 102 -8.70 1.02 -20.01
N ASP C 103 -8.09 1.52 -21.08
CA ASP C 103 -7.19 2.67 -21.04
C ASP C 103 -7.80 3.91 -20.39
N LYS C 104 -9.13 4.00 -20.41
CA LYS C 104 -9.82 5.20 -19.92
C LYS C 104 -10.46 5.03 -18.54
N LEU C 105 -10.56 3.78 -18.06
CA LEU C 105 -11.25 3.48 -16.81
C LEU C 105 -10.49 3.98 -15.58
N GLN C 106 -11.16 4.79 -14.79
CA GLN C 106 -10.61 5.33 -13.55
C GLN C 106 -11.10 4.48 -12.39
N LEU C 107 -10.41 4.57 -11.25
CA LEU C 107 -10.75 3.79 -10.07
C LEU C 107 -12.18 3.99 -9.58
N ASP C 108 -12.66 5.24 -9.61
CA ASP C 108 -14.05 5.53 -9.24
C ASP C 108 -15.03 4.91 -10.23
N GLY C 109 -14.65 4.90 -11.51
CA GLY C 109 -15.40 4.22 -12.54
C GLY C 109 -15.44 2.72 -12.29
N LEU C 110 -14.28 2.16 -11.93
CA LEU C 110 -14.19 0.73 -11.63
C LEU C 110 -15.16 0.35 -10.52
N LYS C 111 -15.17 1.14 -9.44
CA LYS C 111 -16.09 0.92 -8.33
C LYS C 111 -17.56 1.03 -8.75
N ASP C 112 -17.85 1.92 -9.70
CA ASP C 112 -19.19 2.05 -10.28
C ASP C 112 -19.61 0.77 -11.00
N ILE C 113 -18.72 0.27 -11.86
CA ILE C 113 -18.94 -0.99 -12.59
C ILE C 113 -19.27 -2.14 -11.64
N GLU C 114 -18.52 -2.26 -10.54
CA GLU C 114 -18.72 -3.32 -9.56
C GLU C 114 -20.05 -3.17 -8.83
N ARG C 115 -20.35 -1.93 -8.41
CA ARG C 115 -21.63 -1.60 -7.78
C ARG C 115 -22.81 -1.93 -8.69
N ALA C 116 -22.70 -1.53 -9.96
CA ALA C 116 -23.72 -1.80 -10.98
C ALA C 116 -23.95 -3.31 -11.15
N LEU C 117 -22.86 -4.07 -11.18
CA LEU C 117 -22.92 -5.53 -11.31
C LEU C 117 -23.28 -6.24 -10.01
N GLY C 118 -23.49 -5.46 -8.94
CA GLY C 118 -23.82 -6.01 -7.63
C GLY C 118 -22.73 -6.90 -7.07
N VAL C 119 -21.48 -6.57 -7.39
CA VAL C 119 -20.30 -7.33 -6.98
C VAL C 119 -19.29 -6.42 -6.27
N THR C 124 -17.87 -2.71 4.61
CA THR C 124 -16.53 -3.31 4.62
C THR C 124 -15.90 -3.12 6.01
N ALA C 125 -15.37 -4.21 6.56
CA ALA C 125 -14.87 -4.26 7.93
C ALA C 125 -13.77 -3.25 8.22
N SER C 126 -13.76 -2.72 9.44
CA SER C 126 -12.70 -1.82 9.90
C SER C 126 -12.51 -1.98 11.41
N ILE C 127 -11.38 -1.49 11.93
CA ILE C 127 -11.16 -1.51 13.38
C ILE C 127 -10.33 -0.33 13.87
N HIS C 128 -10.59 0.09 15.11
CA HIS C 128 -9.77 1.09 15.76
C HIS C 128 -8.50 0.46 16.35
N PRO C 129 -7.34 1.08 16.08
CA PRO C 129 -6.05 0.60 16.58
C PRO C 129 -6.00 0.26 18.07
N SER C 130 -6.77 0.96 18.90
CA SER C 130 -6.79 0.75 20.35
C SER C 130 -7.47 -0.55 20.78
N ARG C 131 -8.29 -1.11 19.89
CA ARG C 131 -9.04 -2.32 20.22
C ARG C 131 -8.10 -3.53 20.28
N PRO C 132 -8.47 -4.56 21.07
CA PRO C 132 -7.60 -5.73 21.19
C PRO C 132 -7.38 -6.40 19.84
N LEU C 133 -6.19 -6.95 19.67
CA LEU C 133 -5.84 -7.66 18.46
C LEU C 133 -6.78 -8.86 18.23
N PHE C 134 -7.21 -9.50 19.31
CA PHE C 134 -8.20 -10.58 19.26
C PHE C 134 -9.43 -10.15 18.47
N GLU C 135 -9.96 -8.96 18.80
CA GLU C 135 -11.15 -8.44 18.16
C GLU C 135 -10.92 -8.16 16.66
N ALA C 136 -9.71 -7.70 16.32
CA ALA C 136 -9.34 -7.49 14.92
C ALA C 136 -9.39 -8.80 14.12
N CYS C 137 -8.93 -9.89 14.73
CA CYS C 137 -8.95 -11.21 14.11
C CYS C 137 -10.37 -11.72 13.92
N LEU C 138 -11.21 -11.56 14.95
CA LEU C 138 -12.62 -11.95 14.88
C LEU C 138 -13.34 -11.26 13.73
N LYS C 139 -13.16 -9.95 13.63
CA LYS C 139 -13.76 -9.15 12.58
C LYS C 139 -13.29 -9.58 11.18
N MET C 140 -12.01 -9.94 11.05
CA MET C 140 -11.53 -10.48 9.78
C MET C 140 -12.16 -11.81 9.40
N LEU C 141 -12.31 -12.70 10.37
CA LEU C 141 -13.01 -13.96 10.15
C LEU C 141 -14.47 -13.73 9.77
N GLU C 142 -15.10 -12.75 10.42
CA GLU C 142 -16.51 -12.45 10.18
C GLU C 142 -16.73 -11.85 8.80
N SER C 143 -15.81 -11.01 8.36
CA SER C 143 -15.89 -10.40 7.05
C SER C 143 -15.40 -11.35 5.95
N ARG C 144 -14.77 -12.46 6.36
CA ARG C 144 -14.21 -13.45 5.44
C ARG C 144 -13.19 -12.82 4.48
N SER C 145 -12.37 -11.92 5.03
CA SER C 145 -11.30 -11.28 4.28
C SER C 145 -9.97 -11.46 5.03
N GLY C 146 -8.87 -11.37 4.31
CA GLY C 146 -7.56 -11.53 4.91
C GLY C 146 -6.95 -10.22 5.36
N ARG C 147 -7.69 -9.13 5.21
CA ARG C 147 -7.22 -7.80 5.62
C ARG C 147 -8.32 -6.92 6.22
N ILE C 148 -7.90 -5.99 7.06
CA ILE C 148 -8.80 -5.06 7.71
C ILE C 148 -8.11 -3.69 7.84
N PRO C 149 -8.79 -2.64 7.37
CA PRO C 149 -8.30 -1.28 7.57
C PRO C 149 -8.34 -0.87 9.03
N LEU C 150 -7.28 -0.18 9.46
CA LEU C 150 -7.23 0.45 10.76
C LEU C 150 -7.71 1.88 10.59
N ILE C 151 -8.76 2.22 11.32
CA ILE C 151 -9.42 3.51 11.17
C ILE C 151 -9.39 4.28 12.48
N ASP C 152 -9.16 5.58 12.37
CA ASP C 152 -9.25 6.49 13.51
C ASP C 152 -9.90 7.79 13.06
N GLN C 153 -10.16 8.70 14.00
CA GLN C 153 -10.70 10.02 13.69
C GLN C 153 -9.61 11.09 13.72
N ASP C 154 -9.57 11.92 12.69
CA ASP C 154 -8.67 13.08 12.68
C ASP C 154 -9.04 13.97 13.86
N GLU C 155 -8.06 14.32 14.68
CA GLU C 155 -8.31 14.99 15.97
C GLU C 155 -8.85 16.42 15.83
N GLU C 156 -8.73 17.01 14.64
CA GLU C 156 -9.24 18.35 14.36
C GLU C 156 -10.48 18.37 13.48
N THR C 157 -10.50 17.53 12.44
CA THR C 157 -11.61 17.52 11.48
C THR C 157 -12.66 16.46 11.79
N HIS C 158 -12.29 15.48 12.60
CA HIS C 158 -13.13 14.32 12.93
C HIS C 158 -13.59 13.53 11.70
N ARG C 159 -12.79 13.61 10.65
CA ARG C 159 -12.99 12.77 9.48
C ARG C 159 -12.31 11.44 9.77
N GLU C 160 -12.96 10.34 9.44
CA GLU C 160 -12.34 9.03 9.63
C GLU C 160 -11.17 8.88 8.66
N ILE C 161 -10.06 8.34 9.15
CA ILE C 161 -8.85 8.20 8.34
C ILE C 161 -8.25 6.81 8.45
N VAL C 162 -7.61 6.36 7.36
CA VAL C 162 -6.96 5.07 7.36
C VAL C 162 -5.54 5.24 7.88
N VAL C 163 -5.25 4.54 8.96
CA VAL C 163 -3.94 4.57 9.59
C VAL C 163 -3.06 3.52 8.93
N SER C 164 -3.64 2.36 8.66
CA SER C 164 -2.94 1.26 8.01
C SER C 164 -3.95 0.20 7.60
N VAL C 165 -3.46 -0.86 6.97
CA VAL C 165 -4.28 -2.02 6.65
C VAL C 165 -3.58 -3.23 7.23
N LEU C 166 -4.21 -3.92 8.17
CA LEU C 166 -3.56 -5.16 8.61
C LEU C 166 -4.12 -6.42 8.02
N THR C 167 -3.23 -7.38 7.83
CA THR C 167 -3.55 -8.64 7.21
C THR C 167 -3.48 -9.78 8.24
N GLN C 168 -4.20 -10.86 7.98
CA GLN C 168 -4.04 -12.09 8.73
C GLN C 168 -2.58 -12.53 8.80
N TYR C 169 -1.86 -12.36 7.69
CA TYR C 169 -0.45 -12.73 7.63
C TYR C 169 0.37 -11.97 8.67
N ARG C 170 0.23 -10.65 8.67
CA ARG C 170 0.97 -9.77 9.56
C ARG C 170 0.69 -10.08 11.03
N ILE C 171 -0.56 -10.44 11.34
CA ILE C 171 -0.93 -10.81 12.69
C ILE C 171 -0.31 -12.14 13.10
N LEU C 172 -0.42 -13.15 12.23
CA LEU C 172 0.21 -14.44 12.51
C LEU C 172 1.74 -14.34 12.63
N LYS C 173 2.36 -13.48 11.84
CA LYS C 173 3.79 -13.27 11.91
C LYS C 173 4.15 -12.54 13.21
N PHE C 174 3.30 -11.60 13.61
CA PHE C 174 3.47 -10.85 14.84
C PHE C 174 3.41 -11.82 16.03
N VAL C 175 2.41 -12.70 16.02
CA VAL C 175 2.29 -13.75 17.02
C VAL C 175 3.54 -14.62 17.03
N ALA C 176 3.98 -15.07 15.87
CA ALA C 176 5.16 -15.93 15.76
C ALA C 176 6.46 -15.28 16.24
N LEU C 177 6.63 -14.00 15.96
CA LEU C 177 7.84 -13.26 16.35
C LEU C 177 7.94 -12.98 17.84
N ASN C 178 6.80 -12.98 18.53
CA ASN C 178 6.74 -12.60 19.94
C ASN C 178 6.44 -13.74 20.90
N CYS C 179 5.87 -14.83 20.39
CA CYS C 179 5.46 -15.97 21.23
C CYS C 179 6.20 -17.27 20.91
N ARG C 180 7.23 -17.58 21.71
CA ARG C 180 7.95 -18.84 21.59
C ARG C 180 7.05 -20.06 21.85
N GLU C 181 5.92 -19.81 22.52
CA GLU C 181 4.90 -20.85 22.77
C GLU C 181 4.43 -21.59 21.52
N THR C 182 4.52 -20.95 20.35
CA THR C 182 4.14 -21.62 19.10
C THR C 182 4.88 -22.94 18.88
N HIS C 183 6.12 -23.02 19.38
CA HIS C 183 6.91 -24.24 19.27
C HIS C 183 6.28 -25.43 19.98
N PHE C 184 5.40 -25.17 20.95
CA PHE C 184 4.72 -26.23 21.69
C PHE C 184 3.40 -26.67 21.09
N LEU C 185 3.09 -26.18 19.90
CA LEU C 185 1.92 -26.62 19.15
C LEU C 185 2.27 -27.87 18.33
N LYS C 186 2.42 -29.00 19.02
CA LYS C 186 2.97 -30.22 18.43
C LYS C 186 1.95 -31.25 17.98
N ILE C 187 0.67 -30.96 18.13
CA ILE C 187 -0.39 -31.86 17.65
C ILE C 187 -0.46 -31.82 16.12
N PRO C 188 -0.43 -32.99 15.46
CA PRO C 188 -0.58 -33.03 13.99
C PRO C 188 -1.86 -32.33 13.57
N ILE C 189 -1.80 -31.51 12.52
CA ILE C 189 -2.98 -30.73 12.07
C ILE C 189 -4.17 -31.59 11.67
N GLY C 190 -3.89 -32.79 11.15
CA GLY C 190 -4.92 -33.78 10.85
C GLY C 190 -5.72 -34.25 12.06
N ASP C 191 -5.20 -34.05 13.26
CA ASP C 191 -5.92 -34.37 14.50
C ASP C 191 -6.72 -33.18 15.04
N LEU C 192 -6.69 -32.05 14.33
CA LEU C 192 -7.27 -30.82 14.84
C LEU C 192 -8.58 -30.44 14.17
N ASN C 193 -8.92 -31.12 13.07
CA ASN C 193 -10.11 -30.78 12.29
C ASN C 193 -10.12 -29.30 11.92
N ILE C 194 -9.02 -28.84 11.32
CA ILE C 194 -8.94 -27.45 10.85
C ILE C 194 -8.65 -27.35 9.35
N ILE C 195 -8.27 -28.47 8.75
CA ILE C 195 -8.07 -28.54 7.31
C ILE C 195 -9.42 -28.54 6.60
N THR C 196 -9.55 -27.73 5.56
CA THR C 196 -10.73 -27.83 4.72
C THR C 196 -10.42 -28.87 3.65
N GLN C 197 -11.20 -29.95 3.66
CA GLN C 197 -11.00 -31.10 2.78
C GLN C 197 -12.17 -31.30 1.83
N ASP C 198 -13.35 -30.83 2.25
CA ASP C 198 -14.57 -31.06 1.51
C ASP C 198 -14.82 -30.00 0.45
N ASN C 199 -15.40 -30.44 -0.66
CA ASN C 199 -15.76 -29.56 -1.78
C ASN C 199 -14.64 -28.61 -2.21
N MET C 200 -13.46 -29.19 -2.42
CA MET C 200 -12.32 -28.45 -2.92
C MET C 200 -12.64 -27.97 -4.34
N LYS C 201 -12.48 -26.68 -4.58
CA LYS C 201 -12.51 -26.18 -5.94
C LYS C 201 -11.13 -26.42 -6.53
N SER C 202 -11.06 -27.18 -7.62
CA SER C 202 -9.77 -27.43 -8.29
C SER C 202 -9.88 -27.37 -9.83
N CYS C 203 -8.74 -27.34 -10.51
CA CYS C 203 -8.74 -27.36 -11.97
C CYS C 203 -7.57 -28.16 -12.53
N GLN C 204 -7.50 -28.22 -13.86
CA GLN C 204 -6.36 -28.85 -14.55
C GLN C 204 -5.65 -27.80 -15.41
N MET C 205 -4.46 -28.13 -15.90
CA MET C 205 -3.66 -27.17 -16.69
C MET C 205 -4.37 -26.73 -17.97
N THR C 206 -5.26 -27.60 -18.46
CA THR C 206 -6.00 -27.34 -19.70
C THR C 206 -7.28 -26.53 -19.49
N THR C 207 -7.67 -26.30 -18.24
CA THR C 207 -8.81 -25.44 -17.93
C THR C 207 -8.54 -24.01 -18.40
N PRO C 208 -9.47 -23.43 -19.19
CA PRO C 208 -9.29 -22.03 -19.56
C PRO C 208 -9.14 -21.17 -18.30
N VAL C 209 -8.24 -20.19 -18.34
CA VAL C 209 -7.96 -19.35 -17.17
C VAL C 209 -9.19 -18.53 -16.74
N ILE C 210 -10.03 -18.13 -17.70
CA ILE C 210 -11.27 -17.44 -17.38
C ILE C 210 -12.20 -18.25 -16.50
N ASP C 211 -12.22 -19.56 -16.73
CA ASP C 211 -12.98 -20.46 -15.88
C ASP C 211 -12.39 -20.57 -14.48
N VAL C 212 -11.08 -20.52 -14.38
CA VAL C 212 -10.41 -20.53 -13.08
C VAL C 212 -10.73 -19.24 -12.34
N ILE C 213 -10.70 -18.12 -13.07
CA ILE C 213 -11.05 -16.82 -12.52
C ILE C 213 -12.51 -16.79 -12.02
N GLN C 214 -13.41 -17.47 -12.74
CA GLN C 214 -14.80 -17.65 -12.28
C GLN C 214 -14.86 -18.42 -10.97
N MET C 215 -14.07 -19.49 -10.85
CA MET C 215 -14.03 -20.30 -9.64
C MET C 215 -13.63 -19.47 -8.43
N LEU C 216 -12.72 -18.52 -8.64
CA LEU C 216 -12.26 -17.63 -7.59
C LEU C 216 -13.44 -16.82 -7.04
N THR C 217 -14.22 -16.22 -7.94
CA THR C 217 -15.39 -15.43 -7.57
C THR C 217 -16.54 -16.29 -7.04
N GLN C 218 -16.92 -17.33 -7.79
CA GLN C 218 -18.01 -18.24 -7.38
C GLN C 218 -17.74 -18.92 -6.04
N GLY C 219 -16.53 -19.46 -5.88
CA GLY C 219 -16.17 -20.16 -4.64
C GLY C 219 -15.83 -19.19 -3.51
N ARG C 220 -15.53 -17.95 -3.88
CA ARG C 220 -14.98 -16.95 -2.96
C ARG C 220 -13.71 -17.48 -2.25
N VAL C 221 -12.74 -17.88 -3.05
CA VAL C 221 -11.43 -18.28 -2.55
C VAL C 221 -10.33 -17.45 -3.19
N SER C 222 -9.17 -17.45 -2.55
CA SER C 222 -8.02 -16.70 -3.02
C SER C 222 -7.19 -17.47 -4.03
N SER C 223 -7.41 -18.77 -4.12
CA SER C 223 -6.60 -19.61 -5.01
C SER C 223 -7.32 -20.90 -5.38
N VAL C 224 -6.92 -21.44 -6.53
CA VAL C 224 -7.46 -22.67 -7.07
C VAL C 224 -6.29 -23.63 -7.35
N PRO C 225 -6.23 -24.75 -6.63
CA PRO C 225 -5.19 -25.74 -6.87
C PRO C 225 -5.34 -26.42 -8.23
N ILE C 226 -4.20 -26.60 -8.90
CA ILE C 226 -4.17 -27.28 -10.19
C ILE C 226 -3.65 -28.69 -9.99
N ILE C 227 -4.48 -29.66 -10.35
CA ILE C 227 -4.14 -31.08 -10.24
C ILE C 227 -4.08 -31.73 -11.62
N ASP C 228 -3.47 -32.91 -11.70
CA ASP C 228 -3.52 -33.67 -12.94
C ASP C 228 -4.65 -34.69 -12.85
N GLU C 229 -4.80 -35.50 -13.90
CA GLU C 229 -5.88 -36.49 -14.00
C GLU C 229 -5.91 -37.48 -12.84
N ASN C 230 -4.76 -37.69 -12.20
CA ASN C 230 -4.67 -38.63 -11.08
C ASN C 230 -4.78 -37.99 -9.70
N GLY C 231 -5.07 -36.69 -9.67
CA GLY C 231 -5.25 -35.96 -8.41
C GLY C 231 -3.98 -35.45 -7.77
N TYR C 232 -2.86 -35.52 -8.48
CA TYR C 232 -1.58 -35.00 -7.98
C TYR C 232 -1.52 -33.49 -8.10
N LEU C 233 -1.11 -32.83 -7.02
CA LEU C 233 -0.99 -31.38 -7.01
C LEU C 233 0.24 -30.97 -7.80
N ILE C 234 0.04 -30.00 -8.69
CA ILE C 234 1.04 -29.64 -9.68
C ILE C 234 1.40 -28.16 -9.52
N ASN C 235 0.38 -27.34 -9.30
CA ASN C 235 0.52 -25.89 -9.18
C ASN C 235 -0.74 -25.31 -8.57
N VAL C 236 -0.81 -23.98 -8.52
CA VAL C 236 -1.97 -23.26 -8.01
C VAL C 236 -2.14 -22.01 -8.85
N TYR C 237 -3.38 -21.58 -9.05
CA TYR C 237 -3.63 -20.27 -9.63
C TYR C 237 -4.23 -19.37 -8.56
N GLU C 238 -3.63 -18.21 -8.35
CA GLU C 238 -4.01 -17.31 -7.26
C GLU C 238 -4.68 -16.06 -7.79
N ALA C 239 -5.57 -15.49 -7.00
CA ALA C 239 -6.14 -14.16 -7.28
C ALA C 239 -5.06 -13.17 -7.69
N TYR C 240 -3.95 -13.14 -6.94
CA TYR C 240 -2.80 -12.29 -7.28
C TYR C 240 -2.31 -12.44 -8.74
N ASP C 241 -2.37 -13.66 -9.29
CA ASP C 241 -1.92 -13.90 -10.65
C ASP C 241 -2.67 -13.08 -11.70
N VAL C 242 -3.91 -12.68 -11.38
CA VAL C 242 -4.73 -11.88 -12.29
C VAL C 242 -4.12 -10.49 -12.53
N LEU C 243 -3.32 -10.00 -11.60
CA LEU C 243 -2.66 -8.70 -11.75
C LEU C 243 -1.62 -8.70 -12.87
N GLY C 244 -0.80 -9.73 -12.91
CA GLY C 244 0.14 -9.94 -14.01
C GLY C 244 -0.55 -10.21 -15.35
N LEU C 245 -1.76 -10.76 -15.28
CA LEU C 245 -2.53 -11.08 -16.47
C LEU C 245 -3.02 -9.80 -17.14
N ILE C 246 -3.46 -8.84 -16.34
CA ILE C 246 -3.93 -7.55 -16.85
C ILE C 246 -2.77 -6.66 -17.31
N LYS C 247 -1.67 -6.67 -16.55
CA LYS C 247 -0.56 -5.77 -16.79
C LYS C 247 -0.13 -5.75 -18.26
N GLY C 248 0.03 -6.94 -18.83
CA GLY C 248 0.43 -7.08 -20.23
C GLY C 248 -0.66 -6.70 -21.22
N GLY C 249 -1.26 -7.71 -21.85
CA GLY C 249 -2.26 -7.50 -22.90
C GLY C 249 -3.56 -8.25 -22.68
N ILE C 250 -4.42 -7.65 -21.86
CA ILE C 250 -5.75 -8.19 -21.55
C ILE C 250 -6.43 -8.98 -22.67
N TYR C 251 -6.37 -8.48 -23.89
CA TYR C 251 -7.07 -9.08 -25.02
C TYR C 251 -6.92 -10.60 -25.07
N ASN C 252 -5.75 -11.07 -25.49
CA ASN C 252 -5.58 -12.50 -25.74
C ASN C 252 -5.27 -13.35 -24.51
N ASP C 253 -4.63 -12.76 -23.51
CA ASP C 253 -4.27 -13.50 -22.30
C ASP C 253 -5.49 -14.14 -21.59
N LEU C 254 -6.63 -13.45 -21.65
CA LEU C 254 -7.85 -13.97 -21.03
C LEU C 254 -8.37 -15.25 -21.69
N SER C 255 -7.97 -15.47 -22.94
CA SER C 255 -8.41 -16.66 -23.67
C SER C 255 -7.49 -17.87 -23.49
N LEU C 256 -6.37 -17.71 -22.78
CA LEU C 256 -5.40 -18.80 -22.63
C LEU C 256 -5.91 -19.85 -21.65
N SER C 257 -5.30 -21.02 -21.69
CA SER C 257 -5.49 -22.03 -20.66
C SER C 257 -4.72 -21.59 -19.39
N VAL C 258 -5.03 -22.19 -18.25
CA VAL C 258 -4.35 -21.81 -17.01
C VAL C 258 -2.82 -22.09 -17.11
N GLY C 259 -2.46 -23.24 -17.69
CA GLY C 259 -1.07 -23.59 -17.96
C GLY C 259 -0.29 -22.53 -18.71
N GLU C 260 -0.92 -21.93 -19.72
CA GLU C 260 -0.30 -20.88 -20.53
C GLU C 260 -0.28 -19.53 -19.81
N ALA C 261 -1.39 -19.18 -19.17
CA ALA C 261 -1.46 -17.92 -18.43
C ALA C 261 -0.43 -17.87 -17.30
N LEU C 262 -0.07 -19.04 -16.78
CA LEU C 262 0.93 -19.16 -15.73
C LEU C 262 2.35 -18.78 -16.18
N MET C 263 2.60 -18.85 -17.49
CA MET C 263 3.85 -18.41 -18.09
C MET C 263 4.10 -16.93 -17.82
N ARG C 264 3.04 -16.20 -17.49
CA ARG C 264 3.18 -14.77 -17.17
C ARG C 264 3.74 -14.54 -15.76
N ARG C 265 3.76 -15.58 -14.91
CA ARG C 265 4.31 -15.45 -13.55
C ARG C 265 5.73 -14.92 -13.60
N SER C 266 6.02 -13.95 -12.74
CA SER C 266 7.39 -13.46 -12.57
C SER C 266 8.29 -14.55 -12.05
N ASP C 267 9.55 -14.51 -12.46
CA ASP C 267 10.54 -15.48 -12.02
C ASP C 267 10.79 -15.46 -10.51
N ASP C 268 10.39 -14.37 -9.85
CA ASP C 268 10.56 -14.28 -8.40
C ASP C 268 9.39 -14.86 -7.59
N PHE C 269 8.40 -15.45 -8.28
CA PHE C 269 7.35 -16.21 -7.61
C PHE C 269 7.97 -17.16 -6.60
N GLU C 270 7.47 -17.13 -5.38
CA GLU C 270 8.10 -17.82 -4.25
C GLU C 270 7.79 -19.31 -4.21
N GLY C 271 6.69 -19.72 -4.83
CA GLY C 271 6.32 -21.12 -4.87
C GLY C 271 5.07 -21.42 -4.07
N VAL C 272 4.48 -22.58 -4.33
CA VAL C 272 3.37 -23.07 -3.56
C VAL C 272 3.90 -23.87 -2.37
N TYR C 273 3.35 -23.62 -1.18
CA TYR C 273 3.70 -24.38 0.01
C TYR C 273 2.76 -25.54 0.22
N THR C 274 3.32 -26.70 0.52
CA THR C 274 2.54 -27.88 0.82
C THR C 274 2.96 -28.42 2.18
N CYS C 275 2.09 -29.21 2.78
CA CYS C 275 2.39 -29.94 3.99
C CYS C 275 1.56 -31.21 3.95
N THR C 276 1.68 -32.02 5.00
CA THR C 276 0.85 -33.22 5.15
C THR C 276 0.04 -33.09 6.43
N LYS C 277 -0.79 -34.09 6.70
CA LYS C 277 -1.61 -34.13 7.92
C LYS C 277 -0.77 -34.39 9.18
N ASN C 278 0.47 -34.85 9.01
CA ASN C 278 1.34 -35.13 10.15
C ASN C 278 2.12 -33.91 10.56
N ASP C 279 2.00 -32.84 9.77
CA ASP C 279 2.67 -31.59 10.11
C ASP C 279 1.98 -30.88 11.28
N LYS C 280 2.75 -30.08 12.01
CA LYS C 280 2.28 -29.46 13.23
C LYS C 280 2.24 -27.95 13.07
N LEU C 281 1.37 -27.29 13.84
CA LEU C 281 1.25 -25.84 13.78
C LEU C 281 2.53 -25.11 14.16
N SER C 282 3.35 -25.73 15.02
CA SER C 282 4.69 -25.23 15.32
C SER C 282 5.52 -25.03 14.04
N THR C 283 5.58 -26.08 13.21
CA THR C 283 6.23 -25.97 11.91
C THR C 283 5.58 -24.89 11.05
N ILE C 284 4.25 -24.91 10.99
CA ILE C 284 3.50 -23.97 10.17
C ILE C 284 3.84 -22.54 10.58
N MET C 285 3.86 -22.29 11.89
CA MET C 285 4.19 -20.97 12.42
C MET C 285 5.65 -20.57 12.18
N ASP C 286 6.57 -21.54 12.18
CA ASP C 286 7.97 -21.24 11.84
C ASP C 286 8.08 -20.77 10.40
N ASN C 287 7.37 -21.45 9.50
CA ASN C 287 7.30 -21.05 8.09
C ASN C 287 6.68 -19.68 7.86
N ILE C 288 5.55 -19.39 8.50
CA ILE C 288 4.94 -18.06 8.47
C ILE C 288 5.91 -16.98 8.98
N ARG C 289 6.67 -17.33 10.02
CA ARG C 289 7.67 -16.42 10.58
C ARG C 289 8.78 -16.09 9.58
N LYS C 290 9.27 -17.09 8.86
CA LYS C 290 10.43 -16.89 7.98
C LYS C 290 10.07 -16.47 6.54
N ALA C 291 8.82 -16.66 6.14
CA ALA C 291 8.41 -16.37 4.76
C ALA C 291 6.96 -15.91 4.65
N ARG C 292 6.68 -15.15 3.61
CA ARG C 292 5.31 -14.77 3.30
C ARG C 292 4.57 -15.96 2.67
N VAL C 293 3.96 -16.78 3.52
CA VAL C 293 3.15 -17.91 3.08
C VAL C 293 1.69 -17.61 3.43
N HIS C 294 0.79 -17.79 2.47
CA HIS C 294 -0.61 -17.49 2.69
C HIS C 294 -1.50 -18.70 2.84
N ARG C 295 -0.99 -19.86 2.47
CA ARG C 295 -1.73 -21.10 2.63
C ARG C 295 -0.80 -22.28 2.43
N PHE C 296 -1.20 -23.41 2.96
CA PHE C 296 -0.44 -24.64 2.83
C PHE C 296 -1.39 -25.67 2.26
N PHE C 297 -1.09 -26.14 1.05
CA PHE C 297 -1.90 -27.23 0.49
C PHE C 297 -1.51 -28.56 1.10
N VAL C 298 -2.52 -29.24 1.62
CA VAL C 298 -2.30 -30.51 2.28
C VAL C 298 -2.33 -31.60 1.22
N VAL C 299 -1.24 -32.36 1.16
CA VAL C 299 -1.13 -33.50 0.25
C VAL C 299 -0.95 -34.78 1.07
N ASP C 300 -1.17 -35.92 0.43
CA ASP C 300 -0.87 -37.22 1.05
C ASP C 300 0.59 -37.64 0.84
N ASP C 301 0.89 -38.90 1.16
CA ASP C 301 2.25 -39.47 1.05
C ASP C 301 2.85 -39.37 -0.35
N VAL C 302 1.99 -39.36 -1.39
CA VAL C 302 2.47 -39.34 -2.78
C VAL C 302 2.27 -38.01 -3.53
N GLY C 303 1.71 -37.02 -2.84
CA GLY C 303 1.57 -35.68 -3.41
C GLY C 303 0.22 -35.42 -4.06
N ARG C 304 -0.78 -36.22 -3.69
CA ARG C 304 -2.15 -35.97 -4.12
C ARG C 304 -2.81 -34.98 -3.18
N LEU C 305 -3.55 -34.03 -3.76
CA LEU C 305 -4.31 -33.04 -3.02
C LEU C 305 -5.34 -33.69 -2.12
N VAL C 306 -5.29 -33.38 -0.82
CA VAL C 306 -6.34 -33.80 0.10
C VAL C 306 -7.07 -32.60 0.72
N GLY C 307 -6.42 -31.43 0.70
CA GLY C 307 -7.04 -30.24 1.28
C GLY C 307 -6.15 -29.01 1.28
N VAL C 308 -6.62 -27.98 1.98
CA VAL C 308 -5.89 -26.75 2.10
C VAL C 308 -6.04 -26.22 3.55
N LEU C 309 -4.96 -25.61 4.05
CA LEU C 309 -4.93 -24.96 5.34
C LEU C 309 -4.52 -23.52 5.08
N THR C 310 -5.46 -22.59 5.28
CA THR C 310 -5.18 -21.18 5.01
C THR C 310 -4.97 -20.40 6.31
N LEU C 311 -4.55 -19.15 6.18
CA LEU C 311 -4.32 -18.31 7.34
C LEU C 311 -5.59 -18.16 8.19
N SER C 312 -6.75 -18.02 7.54
CA SER C 312 -8.03 -18.00 8.28
C SER C 312 -8.33 -19.28 9.04
N ASP C 313 -7.97 -20.43 8.46
CA ASP C 313 -8.12 -21.69 9.18
C ASP C 313 -7.26 -21.73 10.46
N ILE C 314 -6.02 -21.24 10.34
CA ILE C 314 -5.10 -21.21 11.46
C ILE C 314 -5.55 -20.22 12.53
N LEU C 315 -5.93 -19.02 12.11
CA LEU C 315 -6.43 -18.01 13.04
C LEU C 315 -7.68 -18.42 13.79
N LYS C 316 -8.64 -19.02 13.08
CA LYS C 316 -9.87 -19.50 13.69
C LYS C 316 -9.59 -20.52 14.79
N TYR C 317 -8.65 -21.43 14.54
CA TYR C 317 -8.26 -22.44 15.53
C TYR C 317 -7.66 -21.78 16.76
N ILE C 318 -6.79 -20.80 16.54
CA ILE C 318 -6.14 -20.13 17.65
C ILE C 318 -7.17 -19.37 18.51
N LEU C 319 -8.07 -18.65 17.85
CA LEU C 319 -9.11 -17.89 18.53
C LEU C 319 -10.16 -18.78 19.19
N LEU C 320 -10.69 -19.76 18.45
CA LEU C 320 -11.90 -20.47 18.86
C LEU C 320 -11.76 -21.98 19.07
N GLY C 321 -10.62 -22.55 18.66
CA GLY C 321 -10.40 -24.00 18.76
C GLY C 321 -10.98 -24.76 17.59
N SER C 322 -11.11 -26.08 17.74
CA SER C 322 -11.57 -26.98 16.67
C SER C 322 -13.08 -27.01 16.57
#